data_4OLF
#
_entry.id   4OLF
#
_cell.length_a   106.550
_cell.length_b   106.550
_cell.length_c   186.160
_cell.angle_alpha   90.000
_cell.angle_beta   90.000
_cell.angle_gamma   120.000
#
_symmetry.space_group_name_H-M   'P 31 2 1'
#
loop_
_entity.id
_entity.type
_entity.pdbx_description
1 polymer 'Proline--tRNA ligase'
2 non-polymer 'PHOSPHOAMINOPHOSPHONIC ACID-ADENYLATE ESTER'
3 non-polymer 7-bromo-6-chloro-3-{3-[(2R,3S)-3-hydroxypiperidin-2-yl]-2-oxopropyl}quinazolin-4(3H)-one
4 non-polymer 'SULFATE ION'
5 non-polymer 'SODIUM ION'
6 non-polymer 1,2-ETHANEDIOL
7 water water
#
_entity_poly.entity_id   1
_entity_poly.type   'polypeptide(L)'
_entity_poly.pdbx_seq_one_letter_code
;MAHHHHHHSNILGITSKKIENFSDWYTQVIVKSELIEYYDISGCYILRPAAYYIWECVQAFFNKEIKKLNVENSYFPLFV
TKNKLEKEKNHIEGFSPEVAWVTKYGDSNLPEEIAIRPTSETIMYSVFPKWIRSYRDLPLKLNQWNTVVRWEFKQPTPFI
RTREFLWQEGHTAHKNEEEAVKLVFDILDLYRRWYEEYLAVPIIKGIKSEGEKFGGANFTSTAEAFISENGRAIQAATSH
YLGTNFAKMFKIEFEDENEVKQYVHQTSWGCTTRSIGIMIMTHGDDKGLVLPPNVSKYKVVIVPIFYKTTDENAIHSYCK
DIEKILKNAQINCVYDDRASYSPGYKFNHWELRGIPIRIEVGPKDLQNNSCVIVRRDNNEKCNVKKESVLLETQQMLVDI
HKNLFLKAKKKLDDSIVQVTSFSEVMNALNKKKMVLAPWCEDIATEEEIKKETQRLSLNQTNSETTLSGAMKPLCIPLDQ
PPMPPNMKCFWSGKPAKRWCLFGRSY
;
_entity_poly.pdbx_strand_id   A
#
loop_
_chem_comp.id
_chem_comp.type
_chem_comp.name
_chem_comp.formula
ANP non-polymer 'PHOSPHOAMINOPHOSPHONIC ACID-ADENYLATE ESTER' 'C10 H17 N6 O12 P3'
EDO non-polymer 1,2-ETHANEDIOL 'C2 H6 O2'
HFG non-polymer 7-bromo-6-chloro-3-{3-[(2R,3S)-3-hydroxypiperidin-2-yl]-2-oxopropyl}quinazolin-4(3H)-one 'C16 H17 Br Cl N3 O3'
NA non-polymer 'SODIUM ION' 'Na 1'
SO4 non-polymer 'SULFATE ION' 'O4 S -2'
#
# COMPACT_ATOMS: atom_id res chain seq x y z
N ILE A 11 4.79 13.34 -23.98
CA ILE A 11 3.38 13.82 -24.10
C ILE A 11 2.36 12.65 -24.00
N LEU A 12 2.58 11.65 -24.85
CA LEU A 12 1.65 10.52 -25.01
C LEU A 12 2.42 9.28 -25.51
N GLY A 13 2.35 8.21 -24.70
CA GLY A 13 3.24 7.05 -24.78
C GLY A 13 4.25 7.11 -23.65
N ILE A 14 4.62 5.96 -23.09
CA ILE A 14 5.74 5.85 -22.11
C ILE A 14 7.07 5.70 -22.84
N THR A 15 8.03 6.58 -22.56
CA THR A 15 9.29 6.63 -23.31
C THR A 15 10.49 6.13 -22.49
N SER A 16 10.25 5.52 -21.34
CA SER A 16 11.32 4.98 -20.53
C SER A 16 10.99 3.58 -20.07
N LYS A 17 11.89 2.65 -20.38
CA LYS A 17 11.72 1.26 -20.03
C LYS A 17 11.85 1.19 -18.51
N LYS A 18 11.00 0.37 -17.91
CA LYS A 18 10.90 0.25 -16.46
C LYS A 18 12.21 -0.23 -15.84
N ILE A 19 13.00 -0.98 -16.59
CA ILE A 19 14.33 -1.37 -16.12
C ILE A 19 15.39 -0.26 -16.28
N GLU A 20 15.34 0.45 -17.40
CA GLU A 20 16.42 1.38 -17.78
C GLU A 20 16.40 2.69 -16.98
N ASN A 21 15.27 3.39 -16.92
CA ASN A 21 15.11 4.41 -15.91
C ASN A 21 13.78 4.19 -15.21
N PHE A 22 13.80 3.30 -14.23
CA PHE A 22 12.64 3.00 -13.40
C PHE A 22 11.98 4.21 -12.79
N SER A 23 12.77 5.20 -12.42
CA SER A 23 12.22 6.38 -11.76
C SER A 23 11.53 7.29 -12.78
N ASP A 24 12.21 7.61 -13.86
CA ASP A 24 11.56 8.37 -14.92
C ASP A 24 10.34 7.61 -15.47
N TRP A 25 10.44 6.29 -15.58
CA TRP A 25 9.27 5.47 -15.86
C TRP A 25 8.07 5.79 -14.94
N TYR A 26 8.30 5.73 -13.64
CA TYR A 26 7.24 5.94 -12.64
C TYR A 26 6.54 7.28 -12.84
N THR A 27 7.33 8.34 -12.92
CA THR A 27 6.82 9.67 -13.23
C THR A 27 5.93 9.62 -14.46
N GLN A 28 6.48 9.08 -15.55
CA GLN A 28 5.75 9.05 -16.79
C GLN A 28 4.43 8.30 -16.57
N VAL A 29 4.47 7.19 -15.85
CA VAL A 29 3.27 6.35 -15.74
C VAL A 29 2.18 7.04 -14.91
N ILE A 30 2.53 7.46 -13.72
CA ILE A 30 1.56 8.04 -12.81
C ILE A 30 0.91 9.28 -13.42
N VAL A 31 1.66 10.02 -14.22
CA VAL A 31 1.11 11.21 -14.84
C VAL A 31 0.30 10.87 -16.09
N LYS A 32 0.96 10.25 -17.06
CA LYS A 32 0.31 9.93 -18.31
C LYS A 32 -0.88 8.96 -18.17
N SER A 33 -0.96 8.21 -17.07
CA SER A 33 -2.13 7.37 -16.78
C SER A 33 -3.28 8.15 -16.13
N GLU A 34 -3.05 9.43 -15.86
CA GLU A 34 -4.02 10.33 -15.26
C GLU A 34 -4.26 10.03 -13.77
N LEU A 35 -3.28 9.45 -13.11
CA LEU A 35 -3.40 9.17 -11.69
C LEU A 35 -3.11 10.42 -10.90
N ILE A 36 -2.01 11.08 -11.23
CA ILE A 36 -1.68 12.26 -10.48
C ILE A 36 -1.23 13.40 -11.35
N GLU A 37 -1.09 14.53 -10.66
CA GLU A 37 -0.49 15.72 -11.21
C GLU A 37 0.42 16.30 -10.13
N TYR A 38 1.61 16.72 -10.55
CA TYR A 38 2.55 17.40 -9.68
C TYR A 38 2.02 18.78 -9.31
N TYR A 39 2.70 19.45 -8.40
CA TYR A 39 2.14 20.60 -7.70
C TYR A 39 3.26 21.51 -7.26
N ASP A 40 2.96 22.80 -7.07
CA ASP A 40 3.99 23.78 -6.78
C ASP A 40 4.50 23.73 -5.34
N ILE A 41 4.15 22.71 -4.58
CA ILE A 41 4.74 22.50 -3.26
C ILE A 41 5.31 21.12 -3.19
N SER A 42 6.61 21.03 -2.95
CA SER A 42 7.30 19.75 -3.02
C SER A 42 6.77 18.71 -2.03
N GLY A 43 6.47 17.53 -2.56
CA GLY A 43 6.03 16.44 -1.71
C GLY A 43 4.53 16.32 -1.63
N CYS A 44 3.83 17.30 -2.21
CA CYS A 44 2.38 17.25 -2.34
C CYS A 44 1.99 16.95 -3.78
N TYR A 45 0.98 16.11 -3.96
CA TYR A 45 0.57 15.66 -5.26
C TYR A 45 -0.93 15.57 -5.40
N ILE A 46 -1.44 15.92 -6.58
CA ILE A 46 -2.87 15.96 -6.80
C ILE A 46 -3.35 14.56 -7.16
N LEU A 47 -4.38 14.08 -6.47
CA LEU A 47 -4.92 12.77 -6.81
C LEU A 47 -6.12 12.96 -7.69
N ARG A 48 -5.97 12.61 -8.95
CA ARG A 48 -7.07 12.72 -9.88
C ARG A 48 -7.96 11.52 -9.61
N PRO A 49 -9.14 11.45 -10.25
CA PRO A 49 -10.08 10.45 -9.86
C PRO A 49 -9.56 9.05 -10.03
N ALA A 50 -8.89 8.78 -11.13
CA ALA A 50 -8.34 7.45 -11.33
C ALA A 50 -7.55 6.99 -10.10
N ALA A 51 -6.81 7.89 -9.47
CA ALA A 51 -6.06 7.56 -8.27
C ALA A 51 -6.91 7.45 -7.01
N TYR A 52 -7.85 8.36 -6.85
CA TYR A 52 -8.66 8.41 -5.65
C TYR A 52 -9.62 7.22 -5.62
N TYR A 53 -10.09 6.84 -6.79
CA TYR A 53 -10.90 5.67 -6.91
C TYR A 53 -10.21 4.49 -6.22
N ILE A 54 -8.92 4.31 -6.50
CA ILE A 54 -8.18 3.23 -5.88
C ILE A 54 -8.26 3.36 -4.36
N TRP A 55 -7.97 4.54 -3.85
CA TRP A 55 -8.11 4.77 -2.42
C TRP A 55 -9.51 4.41 -1.94
N GLU A 56 -10.54 4.87 -2.63
CA GLU A 56 -11.89 4.59 -2.14
C GLU A 56 -12.12 3.08 -2.07
N CYS A 57 -11.69 2.36 -3.07
CA CYS A 57 -11.95 0.94 -3.10
C CYS A 57 -11.43 0.27 -1.84
N VAL A 58 -10.16 0.52 -1.51
CA VAL A 58 -9.55 -0.10 -0.33
C VAL A 58 -10.19 0.42 0.95
N GLN A 59 -10.53 1.70 0.95
CA GLN A 59 -11.11 2.32 2.11
C GLN A 59 -12.45 1.67 2.41
N ALA A 60 -13.19 1.31 1.36
CA ALA A 60 -14.46 0.59 1.53
C ALA A 60 -14.20 -0.77 2.15
N PHE A 61 -13.26 -1.49 1.55
CA PHE A 61 -12.91 -2.80 2.01
C PHE A 61 -12.50 -2.74 3.48
N PHE A 62 -11.53 -1.89 3.79
CA PHE A 62 -11.01 -1.83 5.14
C PHE A 62 -12.11 -1.47 6.12
N ASN A 63 -12.93 -0.46 5.79
CA ASN A 63 -13.99 -0.06 6.71
C ASN A 63 -14.90 -1.22 7.03
N LYS A 64 -15.25 -1.96 5.99
CA LYS A 64 -16.15 -3.09 6.13
C LYS A 64 -15.56 -3.98 7.18
N GLU A 65 -14.27 -4.28 6.99
CA GLU A 65 -13.59 -5.26 7.80
C GLU A 65 -13.37 -4.81 9.23
N ILE A 66 -13.10 -3.55 9.46
CA ILE A 66 -12.90 -3.13 10.82
C ILE A 66 -14.24 -2.95 11.58
N LYS A 67 -15.35 -2.73 10.86
CA LYS A 67 -16.67 -2.68 11.56
C LYS A 67 -16.89 -4.05 12.16
N LYS A 68 -16.41 -5.11 11.53
CA LYS A 68 -16.59 -6.43 12.13
C LYS A 68 -15.80 -6.61 13.41
N LEU A 69 -14.77 -5.80 13.61
CA LEU A 69 -14.05 -5.81 14.86
C LEU A 69 -14.54 -4.73 15.80
N ASN A 70 -15.71 -4.18 15.52
CA ASN A 70 -16.31 -3.08 16.29
C ASN A 70 -15.40 -1.86 16.37
N VAL A 71 -14.61 -1.63 15.34
CA VAL A 71 -13.87 -0.39 15.29
C VAL A 71 -14.85 0.63 14.75
N GLU A 72 -14.73 1.85 15.25
CA GLU A 72 -15.63 2.92 14.83
C GLU A 72 -14.84 4.10 14.36
N ASN A 73 -15.25 4.62 13.21
CA ASN A 73 -14.65 5.81 12.67
C ASN A 73 -15.00 7.02 13.48
N SER A 74 -14.20 8.06 13.27
CA SER A 74 -14.24 9.27 14.07
C SER A 74 -13.34 10.25 13.39
N TYR A 75 -13.31 11.46 13.93
CA TYR A 75 -12.48 12.47 13.36
C TYR A 75 -12.03 13.45 14.43
N PHE A 76 -10.72 13.57 14.55
CA PHE A 76 -10.11 14.44 15.52
C PHE A 76 -9.48 15.59 14.77
N PRO A 77 -9.14 16.65 15.49
CA PRO A 77 -8.67 17.82 14.77
C PRO A 77 -7.33 17.66 14.07
N LEU A 78 -7.17 18.44 13.02
CA LEU A 78 -5.96 18.54 12.25
C LEU A 78 -4.80 19.19 13.00
N PHE A 79 -5.10 19.98 14.03
CA PHE A 79 -4.07 20.73 14.76
C PHE A 79 -3.80 20.19 16.15
N VAL A 80 -2.58 20.40 16.61
CA VAL A 80 -2.24 20.06 17.97
C VAL A 80 -1.31 21.15 18.52
N THR A 81 -1.39 21.42 19.82
CA THR A 81 -0.58 22.48 20.45
C THR A 81 0.84 22.05 20.79
N LYS A 82 1.75 23.02 20.92
CA LYS A 82 3.16 22.71 21.22
C LYS A 82 3.25 21.75 22.41
N ASN A 83 2.73 22.15 23.55
CA ASN A 83 3.01 21.39 24.78
C ASN A 83 2.29 20.04 24.77
N LYS A 84 1.11 20.01 24.18
CA LYS A 84 0.35 18.76 24.08
C LYS A 84 1.13 17.78 23.25
N LEU A 85 1.58 18.26 22.09
CA LEU A 85 2.35 17.45 21.15
C LEU A 85 3.60 16.87 21.80
N GLU A 86 4.27 17.67 22.63
CA GLU A 86 5.52 17.25 23.29
C GLU A 86 5.25 16.75 24.71
N LYS A 87 4.40 15.74 24.81
CA LYS A 87 4.05 15.10 26.09
C LYS A 87 4.46 13.63 25.97
N ILE A 92 7.46 7.80 21.16
CA ILE A 92 7.77 9.00 20.37
C ILE A 92 9.10 9.68 20.81
N GLU A 93 10.01 9.87 19.82
CA GLU A 93 11.33 10.52 19.98
C GLU A 93 12.10 10.61 18.64
N GLY A 94 12.74 11.76 18.41
CA GLY A 94 13.58 11.99 17.22
C GLY A 94 12.84 12.59 16.04
N PHE A 95 11.64 13.12 16.28
CA PHE A 95 10.70 13.51 15.23
C PHE A 95 10.52 15.03 15.04
N SER A 96 10.67 15.84 16.09
CA SER A 96 10.22 17.24 16.07
C SER A 96 10.64 18.12 14.87
N PRO A 97 11.85 17.91 14.29
CA PRO A 97 12.19 18.62 13.02
C PRO A 97 11.27 18.34 11.83
N GLU A 98 10.40 17.34 11.92
CA GLU A 98 9.44 17.00 10.86
C GLU A 98 8.05 17.66 11.00
N VAL A 99 7.83 18.45 12.04
CA VAL A 99 6.51 19.00 12.31
C VAL A 99 6.29 20.35 11.62
N ALA A 100 5.17 20.49 10.89
CA ALA A 100 4.83 21.76 10.26
C ALA A 100 4.07 22.67 11.22
N TRP A 101 4.49 23.93 11.34
CA TRP A 101 3.91 24.83 12.33
C TRP A 101 3.13 25.97 11.74
N VAL A 102 1.90 26.11 12.21
CA VAL A 102 1.11 27.25 11.87
C VAL A 102 1.49 28.30 12.87
N THR A 103 1.83 29.48 12.36
CA THR A 103 2.41 30.56 13.15
C THR A 103 1.46 31.73 13.25
N LYS A 104 0.76 32.04 12.16
CA LYS A 104 -0.13 33.17 12.14
C LYS A 104 -1.43 32.88 11.43
N TYR A 105 -2.37 33.80 11.60
CA TYR A 105 -3.61 33.82 10.84
C TYR A 105 -3.78 35.21 10.26
N GLY A 106 -3.83 35.29 8.93
CA GLY A 106 -3.72 36.57 8.26
C GLY A 106 -2.40 37.20 8.61
N ASP A 107 -2.42 38.44 9.11
CA ASP A 107 -1.19 39.11 9.53
C ASP A 107 -0.93 39.02 11.02
N SER A 108 -1.69 38.19 11.75
CA SER A 108 -1.55 38.15 13.20
C SER A 108 -0.82 36.89 13.67
N ASN A 109 0.38 37.05 14.23
CA ASN A 109 1.11 35.94 14.82
C ASN A 109 0.18 35.30 15.87
N LEU A 110 0.16 33.97 15.96
CA LEU A 110 -0.69 33.28 16.95
C LEU A 110 -0.04 33.39 18.31
N PRO A 111 -0.82 33.30 19.40
CA PRO A 111 -0.20 33.30 20.72
C PRO A 111 0.85 32.18 20.87
N GLU A 112 0.47 30.93 20.64
CA GLU A 112 1.45 29.86 20.58
C GLU A 112 1.40 29.24 19.19
N GLU A 113 2.56 28.80 18.72
CA GLU A 113 2.64 27.86 17.62
C GLU A 113 1.60 26.77 17.79
N ILE A 114 0.97 26.35 16.70
CA ILE A 114 0.24 25.08 16.68
C ILE A 114 0.68 24.27 15.48
N ALA A 115 0.63 22.96 15.65
CA ALA A 115 1.26 22.02 14.72
C ALA A 115 0.25 21.20 13.97
N ILE A 116 0.58 20.85 12.74
CA ILE A 116 -0.30 20.02 11.93
C ILE A 116 -0.04 18.55 12.19
N ARG A 117 -1.09 17.78 12.38
CA ARG A 117 -0.91 16.41 12.86
C ARG A 117 0.02 15.62 11.96
N PRO A 118 1.05 15.02 12.54
CA PRO A 118 1.80 13.95 11.86
C PRO A 118 1.22 12.57 12.21
N THR A 119 0.53 12.48 13.37
CA THR A 119 -0.22 11.31 13.79
C THR A 119 -1.11 11.83 14.85
N SER A 120 -2.11 11.07 15.25
CA SER A 120 -3.06 11.62 16.18
C SER A 120 -2.94 11.06 17.61
N GLU A 121 -1.81 10.43 17.94
CA GLU A 121 -1.63 9.81 19.26
C GLU A 121 -1.89 10.81 20.36
N THR A 122 -1.08 11.83 20.36
CA THR A 122 -1.04 12.84 21.38
C THR A 122 -2.41 13.52 21.46
N ILE A 123 -3.04 13.70 20.32
CA ILE A 123 -4.34 14.35 20.25
C ILE A 123 -5.40 13.46 20.85
N MET A 124 -5.43 12.22 20.38
CA MET A 124 -6.42 11.26 20.82
C MET A 124 -6.20 10.79 22.26
N TYR A 125 -4.97 10.48 22.60
CA TYR A 125 -4.71 9.81 23.87
C TYR A 125 -4.86 10.75 25.04
N SER A 126 -4.89 12.05 24.77
CA SER A 126 -5.17 13.02 25.82
C SER A 126 -6.59 12.98 26.29
N VAL A 127 -7.49 12.49 25.46
CA VAL A 127 -8.89 12.45 25.84
C VAL A 127 -9.29 11.05 26.33
N PHE A 128 -8.57 10.02 25.90
CA PHE A 128 -8.89 8.66 26.32
C PHE A 128 -9.26 8.51 27.79
N PRO A 129 -8.41 9.04 28.70
CA PRO A 129 -8.71 8.86 30.12
C PRO A 129 -10.13 9.31 30.47
N LYS A 130 -10.56 10.40 29.86
CA LYS A 130 -11.90 10.87 30.05
C LYS A 130 -12.93 9.83 29.60
N TRP A 131 -12.70 9.11 28.51
CA TRP A 131 -13.68 8.12 28.04
C TRP A 131 -13.54 6.73 28.69
N ILE A 132 -12.51 6.56 29.50
CA ILE A 132 -12.17 5.25 30.04
C ILE A 132 -11.97 5.37 31.54
N ARG A 133 -13.04 5.02 32.27
CA ARG A 133 -13.07 5.05 33.73
C ARG A 133 -13.09 3.61 34.33
N SER A 134 -13.82 2.69 33.67
CA SER A 134 -13.97 1.31 34.13
C SER A 134 -13.80 0.26 33.03
N TYR A 135 -13.61 -1.00 33.42
CA TYR A 135 -13.62 -2.14 32.50
C TYR A 135 -14.87 -2.22 31.61
N ARG A 136 -15.97 -1.63 32.05
CA ARG A 136 -17.19 -1.64 31.25
C ARG A 136 -17.02 -0.74 30.03
N ASP A 137 -16.02 0.13 30.08
CA ASP A 137 -15.69 1.04 28.99
C ASP A 137 -14.87 0.40 27.90
N LEU A 138 -14.23 -0.72 28.18
CA LEU A 138 -13.31 -1.36 27.24
C LEU A 138 -13.92 -2.56 26.53
N PRO A 139 -13.40 -2.92 25.35
CA PRO A 139 -12.36 -2.22 24.61
C PRO A 139 -12.86 -0.90 24.01
N LEU A 140 -11.95 0.07 23.83
CA LEU A 140 -12.22 1.28 23.05
C LEU A 140 -11.53 1.15 21.71
N LYS A 141 -12.26 1.35 20.63
CA LYS A 141 -11.74 1.09 19.27
C LYS A 141 -12.08 2.21 18.31
N LEU A 142 -11.09 3.02 17.95
CA LEU A 142 -11.33 4.16 17.08
C LEU A 142 -10.48 4.08 15.85
N ASN A 143 -10.94 4.74 14.80
CA ASN A 143 -10.17 4.85 13.58
C ASN A 143 -10.43 6.20 12.98
N GLN A 144 -9.43 6.68 12.24
CA GLN A 144 -9.63 7.85 11.40
C GLN A 144 -9.15 7.64 9.97
N TRP A 145 -9.92 8.21 9.06
CA TRP A 145 -9.48 8.46 7.73
C TRP A 145 -9.19 9.93 7.69
N ASN A 146 -7.92 10.31 7.69
CA ASN A 146 -7.57 11.71 7.63
C ASN A 146 -6.32 11.88 6.79
N THR A 147 -5.80 13.10 6.71
CA THR A 147 -4.44 13.29 6.18
C THR A 147 -3.54 13.81 7.30
N VAL A 148 -2.26 13.53 7.14
CA VAL A 148 -1.27 13.95 8.09
C VAL A 148 -0.12 14.53 7.31
N VAL A 149 0.76 15.21 8.00
CA VAL A 149 1.81 15.96 7.38
C VAL A 149 3.10 15.78 8.16
N ARG A 150 4.15 15.44 7.43
CA ARG A 150 5.48 15.28 7.98
C ARG A 150 6.42 15.89 6.96
N TRP A 151 7.19 16.90 7.35
CA TRP A 151 8.18 17.49 6.45
C TRP A 151 9.45 16.65 6.52
N GLU A 152 9.71 15.86 5.48
CA GLU A 152 10.69 14.80 5.54
C GLU A 152 11.93 15.11 4.72
N PHE A 153 13.10 14.85 5.30
CA PHE A 153 14.40 15.13 4.64
C PHE A 153 14.52 14.33 3.33
N LYS A 154 14.69 13.01 3.44
CA LYS A 154 14.69 12.13 2.27
C LYS A 154 13.68 12.68 1.22
N GLN A 155 14.11 12.68 -0.06
CA GLN A 155 13.34 13.26 -1.17
C GLN A 155 12.01 12.52 -1.39
N PRO A 156 10.95 13.30 -1.63
CA PRO A 156 9.62 12.76 -1.72
C PRO A 156 9.44 12.10 -3.05
N THR A 157 8.54 11.13 -3.10
CA THR A 157 8.24 10.44 -4.33
C THR A 157 6.76 10.11 -4.25
N PRO A 158 6.00 10.43 -5.31
CA PRO A 158 4.54 10.31 -5.29
C PRO A 158 4.07 8.97 -4.79
N PHE A 159 3.05 9.01 -3.93
CA PHE A 159 2.52 7.86 -3.22
C PHE A 159 3.43 7.27 -2.16
N ILE A 160 4.70 7.07 -2.49
CA ILE A 160 5.57 6.27 -1.64
C ILE A 160 6.03 7.06 -0.43
N ARG A 161 6.55 8.25 -0.65
CA ARG A 161 6.97 9.13 0.43
C ARG A 161 6.44 10.48 0.05
N THR A 162 5.27 10.83 0.58
CA THR A 162 4.65 12.13 0.33
C THR A 162 4.62 12.92 1.62
N ARG A 163 4.58 14.23 1.48
CA ARG A 163 4.73 15.13 2.60
C ARG A 163 3.37 15.33 3.28
N GLU A 164 2.33 15.34 2.46
CA GLU A 164 0.97 15.13 2.91
C GLU A 164 0.55 13.77 2.41
N PHE A 165 -0.20 13.03 3.20
CA PHE A 165 -0.78 11.79 2.72
C PHE A 165 -2.04 11.35 3.41
N LEU A 166 -2.94 10.81 2.62
CA LEU A 166 -4.11 10.17 3.16
C LEU A 166 -3.67 8.89 3.82
N TRP A 167 -4.26 8.62 4.97
CA TRP A 167 -4.16 7.33 5.55
C TRP A 167 -5.36 7.03 6.37
N GLN A 168 -5.34 5.86 6.95
CA GLN A 168 -6.26 5.47 7.99
C GLN A 168 -5.36 5.24 9.20
N GLU A 169 -5.77 5.70 10.38
CA GLU A 169 -5.00 5.42 11.61
C GLU A 169 -5.94 4.86 12.66
N GLY A 170 -5.66 3.65 13.08
CA GLY A 170 -6.49 2.94 14.04
C GLY A 170 -5.85 2.99 15.41
N HIS A 171 -6.67 3.20 16.43
CA HIS A 171 -6.17 3.21 17.79
C HIS A 171 -7.16 2.45 18.64
N THR A 172 -6.68 1.51 19.45
CA THR A 172 -7.55 0.71 20.32
C THR A 172 -6.94 0.64 21.67
N ALA A 173 -7.75 0.21 22.63
CA ALA A 173 -7.37 0.10 24.03
C ALA A 173 -8.24 -0.96 24.72
N HIS A 174 -7.60 -1.80 25.54
CA HIS A 174 -8.18 -3.08 25.99
C HIS A 174 -7.84 -3.36 27.42
N LYS A 175 -8.64 -4.26 28.02
CA LYS A 175 -8.41 -4.74 29.38
C LYS A 175 -7.04 -5.45 29.50
N ASN A 176 -6.59 -6.18 28.48
CA ASN A 176 -5.39 -7.02 28.63
C ASN A 176 -4.73 -7.39 27.30
N GLU A 177 -3.54 -7.99 27.36
CA GLU A 177 -2.77 -8.35 26.15
C GLU A 177 -3.47 -9.29 25.19
N GLU A 178 -3.93 -10.45 25.68
CA GLU A 178 -4.68 -11.38 24.81
C GLU A 178 -5.67 -10.59 23.89
N GLU A 179 -6.65 -9.88 24.47
CA GLU A 179 -7.49 -8.94 23.70
C GLU A 179 -6.64 -8.17 22.64
N ALA A 180 -5.65 -7.42 23.11
CA ALA A 180 -4.99 -6.40 22.30
C ALA A 180 -4.13 -6.95 21.20
N VAL A 181 -3.25 -7.88 21.55
CA VAL A 181 -2.32 -8.47 20.59
C VAL A 181 -3.07 -9.23 19.51
N LYS A 182 -4.16 -9.90 19.89
CA LYS A 182 -4.95 -10.66 18.95
C LYS A 182 -5.44 -9.76 17.85
N LEU A 183 -5.88 -8.56 18.21
CA LEU A 183 -6.39 -7.60 17.25
C LEU A 183 -5.26 -7.04 16.40
N VAL A 184 -4.09 -6.86 17.00
CA VAL A 184 -2.94 -6.42 16.22
C VAL A 184 -2.77 -7.32 14.99
N PHE A 185 -2.73 -8.61 15.22
CA PHE A 185 -2.55 -9.54 14.12
C PHE A 185 -3.79 -9.66 13.25
N ASP A 186 -4.96 -9.46 13.82
CA ASP A 186 -6.17 -9.37 13.00
C ASP A 186 -6.04 -8.26 11.98
N ILE A 187 -5.66 -7.06 12.44
CA ILE A 187 -5.46 -5.90 11.56
C ILE A 187 -4.36 -6.14 10.53
N LEU A 188 -3.29 -6.79 10.97
CA LEU A 188 -2.23 -7.11 10.03
C LEU A 188 -2.77 -7.96 8.88
N ASP A 189 -3.66 -8.89 9.17
CA ASP A 189 -4.11 -9.75 8.10
C ASP A 189 -4.96 -8.95 7.14
N LEU A 190 -5.72 -8.03 7.69
CA LEU A 190 -6.54 -7.19 6.89
C LEU A 190 -5.67 -6.39 5.96
N TYR A 191 -4.55 -5.90 6.47
CA TYR A 191 -3.59 -5.24 5.60
C TYR A 191 -3.06 -6.19 4.54
N ARG A 192 -2.80 -7.43 4.89
CA ARG A 192 -2.41 -8.35 3.82
C ARG A 192 -3.50 -8.44 2.76
N ARG A 193 -4.73 -8.62 3.19
CA ARG A 193 -5.85 -8.74 2.24
C ARG A 193 -6.01 -7.48 1.43
N TRP A 194 -5.92 -6.34 2.10
CA TRP A 194 -5.92 -5.07 1.41
C TRP A 194 -4.99 -5.17 0.21
N TYR A 195 -3.77 -5.61 0.44
CA TYR A 195 -2.80 -5.65 -0.64
C TYR A 195 -3.06 -6.81 -1.60
N GLU A 196 -3.39 -7.99 -1.08
CA GLU A 196 -3.45 -9.18 -1.92
C GLU A 196 -4.78 -9.28 -2.65
N GLU A 197 -5.88 -9.11 -1.94
CA GLU A 197 -7.19 -9.21 -2.57
C GLU A 197 -7.53 -8.00 -3.43
N TYR A 198 -6.95 -6.84 -3.15
CA TYR A 198 -7.34 -5.60 -3.88
C TYR A 198 -6.26 -5.01 -4.78
N LEU A 199 -5.02 -5.03 -4.32
CA LEU A 199 -3.91 -4.49 -5.10
C LEU A 199 -3.09 -5.60 -5.81
N ALA A 200 -3.42 -6.85 -5.51
CA ALA A 200 -2.68 -8.01 -6.01
C ALA A 200 -1.18 -7.84 -5.80
N VAL A 201 -0.83 -7.25 -4.66
CA VAL A 201 0.54 -7.08 -4.25
C VAL A 201 0.83 -8.02 -3.09
N PRO A 202 1.83 -8.90 -3.24
CA PRO A 202 2.18 -9.78 -2.14
C PRO A 202 3.05 -9.06 -1.11
N ILE A 203 2.70 -9.25 0.17
CA ILE A 203 3.49 -8.73 1.28
C ILE A 203 3.91 -9.83 2.20
N ILE A 204 5.01 -9.60 2.91
CA ILE A 204 5.46 -10.53 3.91
C ILE A 204 5.19 -9.91 5.25
N LYS A 205 4.50 -10.66 6.11
CA LYS A 205 4.27 -10.23 7.49
C LYS A 205 5.47 -10.54 8.37
N GLY A 206 5.86 -9.57 9.19
CA GLY A 206 6.96 -9.77 10.12
C GLY A 206 6.88 -8.86 11.33
N ILE A 207 7.81 -9.06 12.25
CA ILE A 207 7.98 -8.21 13.40
C ILE A 207 9.24 -7.39 13.13
N LYS A 208 9.22 -6.11 13.48
CA LYS A 208 10.40 -5.28 13.28
C LYS A 208 11.37 -5.55 14.41
N SER A 209 12.61 -5.17 14.18
CA SER A 209 13.67 -5.24 15.16
C SER A 209 13.48 -4.15 16.18
N GLU A 210 14.11 -4.32 17.34
CA GLU A 210 14.07 -3.31 18.37
C GLU A 210 14.50 -1.97 17.85
N GLY A 211 15.46 -1.97 16.92
CA GLY A 211 16.04 -0.73 16.45
C GLY A 211 15.15 0.01 15.49
N GLU A 212 14.27 -0.70 14.78
CA GLU A 212 13.44 -0.12 13.73
C GLU A 212 11.98 -0.02 14.14
N LYS A 213 11.60 -0.74 15.19
CA LYS A 213 10.22 -0.69 15.66
C LYS A 213 9.85 0.74 16.08
N PHE A 214 8.57 0.98 16.26
CA PHE A 214 8.06 2.29 16.65
C PHE A 214 8.42 2.57 18.08
N GLY A 215 9.04 3.74 18.29
CA GLY A 215 9.51 4.15 19.61
C GLY A 215 8.58 3.80 20.75
N GLY A 216 7.31 4.16 20.65
CA GLY A 216 6.37 3.88 21.73
C GLY A 216 5.69 2.52 21.71
N ALA A 217 6.19 1.55 20.96
CA ALA A 217 5.50 0.27 20.86
C ALA A 217 6.24 -0.82 21.59
N ASN A 218 5.49 -1.74 22.19
CA ASN A 218 6.06 -2.99 22.71
C ASN A 218 6.70 -3.78 21.55
N PHE A 219 5.89 -4.16 20.57
CA PHE A 219 6.43 -4.59 19.29
C PHE A 219 5.68 -3.97 18.12
N THR A 220 6.37 -3.86 17.00
CA THR A 220 5.77 -3.39 15.78
C THR A 220 5.71 -4.53 14.80
N SER A 221 4.50 -4.89 14.39
CA SER A 221 4.35 -5.87 13.33
C SER A 221 4.17 -5.08 12.07
N THR A 222 4.57 -5.67 10.95
CA THR A 222 4.63 -4.94 9.71
C THR A 222 4.25 -5.82 8.52
N ALA A 223 3.95 -5.16 7.42
CA ALA A 223 3.79 -5.81 6.14
C ALA A 223 4.85 -5.22 5.24
N GLU A 224 5.64 -6.07 4.58
CA GLU A 224 6.77 -5.60 3.79
C GLU A 224 6.62 -6.01 2.36
N ALA A 225 6.85 -5.06 1.47
CA ALA A 225 6.85 -5.31 0.05
C ALA A 225 8.27 -5.09 -0.45
N PHE A 226 8.48 -5.37 -1.73
CA PHE A 226 9.80 -5.28 -2.34
C PHE A 226 9.69 -4.88 -3.79
N ILE A 227 10.39 -3.82 -4.16
CA ILE A 227 10.51 -3.44 -5.53
C ILE A 227 11.77 -4.10 -6.07
N SER A 228 11.56 -5.12 -6.90
CA SER A 228 12.64 -5.86 -7.52
C SER A 228 13.56 -4.95 -8.32
N GLU A 229 12.98 -4.06 -9.12
CA GLU A 229 13.73 -3.27 -10.13
C GLU A 229 14.89 -2.47 -9.57
N ASN A 230 14.74 -1.95 -8.37
CA ASN A 230 15.82 -1.23 -7.75
C ASN A 230 16.25 -1.91 -6.47
N GLY A 231 15.70 -3.10 -6.21
CA GLY A 231 15.99 -3.88 -5.02
C GLY A 231 15.74 -3.18 -3.69
N ARG A 232 14.65 -2.42 -3.59
CA ARG A 232 14.37 -1.71 -2.34
C ARG A 232 13.15 -2.33 -1.74
N ALA A 233 13.25 -2.66 -0.46
CA ALA A 233 12.09 -3.11 0.29
C ALA A 233 11.34 -1.91 0.73
N ILE A 234 10.11 -2.16 1.11
CA ILE A 234 9.26 -1.05 1.50
C ILE A 234 8.17 -1.47 2.50
N GLN A 235 8.05 -0.68 3.58
CA GLN A 235 7.06 -0.93 4.61
C GLN A 235 5.67 -0.63 4.06
N ALA A 236 4.84 -1.66 3.99
CA ALA A 236 3.59 -1.56 3.29
C ALA A 236 2.44 -1.18 4.23
N ALA A 237 2.62 -1.49 5.49
CA ALA A 237 1.60 -1.23 6.49
C ALA A 237 2.20 -1.51 7.83
N THR A 238 1.50 -1.12 8.88
CA THR A 238 2.11 -1.17 10.18
C THR A 238 1.07 -1.36 11.24
N SER A 239 1.33 -2.32 12.14
CA SER A 239 0.44 -2.62 13.25
C SER A 239 1.20 -2.88 14.55
N HIS A 240 1.03 -2.02 15.55
CA HIS A 240 1.81 -2.09 16.80
C HIS A 240 1.06 -2.65 18.01
N TYR A 241 1.75 -3.46 18.81
CA TYR A 241 1.29 -3.66 20.16
C TYR A 241 2.03 -2.66 21.01
N LEU A 242 1.25 -1.82 21.70
CA LEU A 242 1.78 -0.70 22.47
C LEU A 242 1.92 -1.05 23.94
N GLY A 243 1.30 -2.14 24.35
CA GLY A 243 1.13 -2.41 25.75
C GLY A 243 0.70 -1.17 26.51
N THR A 244 1.33 -0.95 27.65
CA THR A 244 0.90 0.09 28.54
C THR A 244 1.75 1.35 28.40
N ASN A 245 2.63 1.38 27.42
CA ASN A 245 3.56 2.49 27.28
C ASN A 245 2.87 3.82 27.23
N PHE A 246 1.90 3.96 26.34
CA PHE A 246 1.14 5.21 26.24
C PHE A 246 0.16 5.37 27.41
N ALA A 247 -0.33 4.26 27.96
CA ALA A 247 -1.19 4.33 29.13
C ALA A 247 -0.46 4.97 30.34
N LYS A 248 0.82 4.62 30.49
CA LYS A 248 1.68 5.25 31.50
C LYS A 248 1.78 6.75 31.17
N MET A 249 2.08 7.09 29.92
CA MET A 249 2.29 8.50 29.54
C MET A 249 1.06 9.40 29.67
N PHE A 250 -0.12 8.88 29.37
CA PHE A 250 -1.32 9.71 29.40
C PHE A 250 -2.23 9.35 30.58
N LYS A 251 -1.72 8.52 31.49
CA LYS A 251 -2.44 8.11 32.70
C LYS A 251 -3.80 7.55 32.30
N ILE A 252 -3.80 6.66 31.32
CA ILE A 252 -5.03 6.04 30.85
C ILE A 252 -5.25 4.76 31.61
N GLU A 253 -6.23 4.80 32.52
CA GLU A 253 -6.42 3.75 33.49
C GLU A 253 -7.88 3.35 33.57
N PHE A 254 -8.12 2.17 34.14
CA PHE A 254 -9.46 1.71 34.39
C PHE A 254 -9.61 0.92 35.66
N GLU A 255 -10.81 1.00 36.23
CA GLU A 255 -11.18 0.18 37.37
C GLU A 255 -11.43 -1.24 36.87
N ASP A 256 -10.53 -2.12 37.27
CA ASP A 256 -10.62 -3.57 37.13
C ASP A 256 -11.99 -4.15 37.55
N GLU A 257 -12.31 -5.35 37.05
CA GLU A 257 -13.47 -6.12 37.53
C GLU A 257 -13.43 -6.37 39.05
N ASN A 258 -12.27 -6.15 39.69
CA ASN A 258 -12.13 -6.24 41.16
C ASN A 258 -11.99 -4.89 41.86
N GLU A 259 -12.09 -3.78 41.13
CA GLU A 259 -11.92 -2.44 41.72
C GLU A 259 -10.46 -2.00 41.92
N VAL A 260 -9.49 -2.74 41.37
CA VAL A 260 -8.08 -2.26 41.28
C VAL A 260 -7.87 -1.42 40.01
N LYS A 261 -7.25 -0.24 40.14
CA LYS A 261 -6.94 0.61 38.96
C LYS A 261 -5.86 -0.08 38.11
N GLN A 262 -6.03 -0.03 36.79
CA GLN A 262 -5.13 -0.71 35.86
C GLN A 262 -4.80 0.19 34.69
N TYR A 263 -3.63 -0.04 34.09
CA TYR A 263 -3.30 0.59 32.83
C TYR A 263 -3.93 -0.18 31.69
N VAL A 264 -4.27 0.52 30.62
CA VAL A 264 -4.85 -0.12 29.42
C VAL A 264 -3.77 -0.65 28.51
N HIS A 265 -4.12 -1.65 27.72
CA HIS A 265 -3.22 -2.19 26.71
C HIS A 265 -3.73 -1.74 25.34
N GLN A 266 -2.93 -0.95 24.64
CA GLN A 266 -3.35 -0.34 23.39
C GLN A 266 -2.65 -0.88 22.16
N THR A 267 -3.27 -0.62 21.00
CA THR A 267 -2.73 -0.92 19.69
C THR A 267 -2.99 0.31 18.85
N SER A 268 -2.05 0.66 17.98
CA SER A 268 -2.34 1.55 16.90
C SER A 268 -1.84 0.87 15.64
N TRP A 269 -2.38 1.28 14.50
CA TRP A 269 -2.05 0.66 13.23
C TRP A 269 -2.53 1.58 12.13
N GLY A 270 -1.83 1.55 11.00
CA GLY A 270 -2.14 2.43 9.89
C GLY A 270 -1.58 1.98 8.56
N CYS A 271 -2.25 2.40 7.49
CA CYS A 271 -1.79 2.17 6.14
C CYS A 271 -2.17 3.36 5.29
N THR A 272 -1.34 3.73 4.33
CA THR A 272 -1.49 4.98 3.61
C THR A 272 -1.56 4.79 2.11
N THR A 273 -1.65 5.91 1.40
CA THR A 273 -1.68 5.94 -0.06
C THR A 273 -0.41 5.32 -0.67
N ARG A 274 0.65 5.20 0.12
CA ARG A 274 1.80 4.42 -0.28
C ARG A 274 1.41 3.13 -0.98
N SER A 275 0.43 2.42 -0.43
CA SER A 275 -0.10 1.21 -1.01
C SER A 275 -0.38 1.38 -2.51
N ILE A 276 -0.92 2.53 -2.90
CA ILE A 276 -1.19 2.78 -4.30
C ILE A 276 0.10 2.76 -5.10
N GLY A 277 1.13 3.41 -4.57
CA GLY A 277 2.43 3.46 -5.25
C GLY A 277 3.06 2.08 -5.38
N ILE A 278 2.95 1.30 -4.32
CA ILE A 278 3.45 -0.03 -4.34
C ILE A 278 2.81 -0.79 -5.49
N MET A 279 1.49 -0.70 -5.59
CA MET A 279 0.78 -1.43 -6.64
C MET A 279 1.30 -1.02 -7.98
N ILE A 280 1.31 0.28 -8.23
CA ILE A 280 1.78 0.78 -9.52
C ILE A 280 3.14 0.15 -9.87
N MET A 281 4.11 0.35 -8.99
CA MET A 281 5.43 -0.21 -9.20
C MET A 281 5.43 -1.70 -9.46
N THR A 282 4.58 -2.42 -8.76
CA THR A 282 4.53 -3.85 -8.95
C THR A 282 4.05 -4.17 -10.36
N HIS A 283 2.81 -3.77 -10.71
CA HIS A 283 2.16 -4.28 -11.93
C HIS A 283 2.39 -3.43 -13.16
N GLY A 284 2.96 -2.25 -13.00
CA GLY A 284 3.10 -1.33 -14.11
C GLY A 284 4.09 -1.88 -15.11
N ASP A 285 3.86 -1.64 -16.40
CA ASP A 285 4.76 -2.11 -17.42
C ASP A 285 5.02 -1.02 -18.45
N ASP A 286 5.63 -1.35 -19.58
CA ASP A 286 6.15 -0.30 -20.43
C ASP A 286 5.08 0.29 -21.32
N LYS A 287 3.89 -0.33 -21.31
CA LYS A 287 2.73 0.25 -21.93
C LYS A 287 2.01 1.16 -20.93
N GLY A 288 2.42 1.09 -19.68
CA GLY A 288 1.93 2.02 -18.67
C GLY A 288 1.27 1.36 -17.48
N LEU A 289 0.21 1.98 -16.99
CA LEU A 289 -0.45 1.52 -15.79
C LEU A 289 -1.17 0.20 -16.01
N VAL A 290 -1.18 -0.63 -14.98
CA VAL A 290 -1.89 -1.90 -15.02
C VAL A 290 -2.62 -2.03 -13.70
N LEU A 291 -3.94 -2.01 -13.76
CA LEU A 291 -4.77 -2.03 -12.58
C LEU A 291 -5.40 -3.38 -12.37
N PRO A 292 -5.27 -3.95 -11.17
CA PRO A 292 -6.17 -5.04 -10.84
C PRO A 292 -7.60 -4.54 -11.01
N PRO A 293 -8.48 -5.35 -11.60
CA PRO A 293 -9.83 -4.89 -11.92
C PRO A 293 -10.61 -4.29 -10.74
N ASN A 294 -10.39 -4.84 -9.54
CA ASN A 294 -11.06 -4.35 -8.34
C ASN A 294 -10.75 -2.91 -7.99
N VAL A 295 -9.88 -2.23 -8.72
CA VAL A 295 -9.62 -0.81 -8.44
C VAL A 295 -9.57 0.06 -9.68
N SER A 296 -10.28 -0.37 -10.72
CA SER A 296 -10.43 0.41 -11.93
C SER A 296 -11.94 0.66 -12.14
N LYS A 297 -12.39 1.90 -12.28
CA LYS A 297 -13.83 2.15 -12.51
C LYS A 297 -14.27 1.28 -13.67
N TYR A 298 -13.56 1.35 -14.77
CA TYR A 298 -13.95 0.61 -15.95
C TYR A 298 -13.23 -0.71 -16.08
N LYS A 299 -14.01 -1.78 -16.07
CA LYS A 299 -13.46 -3.11 -16.22
C LYS A 299 -13.08 -3.36 -17.67
N VAL A 300 -13.85 -2.83 -18.60
CA VAL A 300 -13.69 -3.15 -20.02
C VAL A 300 -13.78 -1.89 -20.86
N VAL A 301 -12.99 -1.78 -21.92
CA VAL A 301 -13.28 -0.77 -22.93
C VAL A 301 -13.61 -1.45 -24.23
N ILE A 302 -14.66 -0.96 -24.86
CA ILE A 302 -15.13 -1.53 -26.10
C ILE A 302 -14.73 -0.59 -27.21
N VAL A 303 -14.04 -1.15 -28.20
CA VAL A 303 -13.53 -0.37 -29.31
C VAL A 303 -13.94 -1.02 -30.61
N PRO A 304 -14.58 -0.25 -31.48
CA PRO A 304 -14.97 -0.73 -32.78
C PRO A 304 -13.81 -0.52 -33.70
N ILE A 305 -13.63 -1.41 -34.66
CA ILE A 305 -12.52 -1.35 -35.60
C ILE A 305 -13.16 -1.71 -36.92
N PHE A 306 -13.25 -0.73 -37.82
CA PHE A 306 -13.89 -0.95 -39.11
C PHE A 306 -13.50 0.19 -40.05
N TYR A 307 -13.85 0.08 -41.33
CA TYR A 307 -13.47 1.15 -42.27
C TYR A 307 -14.51 1.54 -43.30
N LYS A 308 -15.23 0.57 -43.86
CA LYS A 308 -16.25 0.90 -44.85
C LYS A 308 -17.43 1.57 -44.08
N THR A 309 -18.04 2.61 -44.66
CA THR A 309 -19.10 3.38 -43.96
C THR A 309 -20.39 2.58 -43.76
N THR A 310 -20.72 1.72 -44.74
CA THR A 310 -21.77 0.73 -44.57
C THR A 310 -21.71 -0.04 -43.23
N ASP A 311 -20.51 -0.36 -42.76
CA ASP A 311 -20.32 -1.04 -41.46
C ASP A 311 -20.81 -0.24 -40.23
N GLU A 312 -20.79 1.09 -40.34
CA GLU A 312 -20.94 2.02 -39.20
C GLU A 312 -22.13 1.82 -38.24
N ASN A 313 -23.36 1.77 -38.77
CA ASN A 313 -24.55 1.61 -37.91
C ASN A 313 -24.53 0.22 -37.25
N ALA A 314 -24.32 -0.83 -38.03
CA ALA A 314 -24.33 -2.21 -37.49
C ALA A 314 -23.28 -2.46 -36.40
N ILE A 315 -22.13 -1.78 -36.50
CA ILE A 315 -21.07 -1.86 -35.49
C ILE A 315 -21.51 -1.09 -34.24
N HIS A 316 -21.93 0.17 -34.41
CA HIS A 316 -22.33 1.01 -33.30
C HIS A 316 -23.31 0.23 -32.47
N SER A 317 -24.19 -0.49 -33.15
CA SER A 317 -25.17 -1.32 -32.47
C SER A 317 -24.52 -2.48 -31.72
N TYR A 318 -23.80 -3.34 -32.43
CA TYR A 318 -23.19 -4.53 -31.81
C TYR A 318 -22.40 -4.14 -30.56
N CYS A 319 -21.68 -3.02 -30.67
CA CYS A 319 -20.90 -2.54 -29.55
C CYS A 319 -21.85 -2.09 -28.45
N LYS A 320 -22.87 -1.29 -28.81
CA LYS A 320 -23.87 -0.83 -27.83
C LYS A 320 -24.56 -2.02 -27.16
N ASP A 321 -24.82 -3.10 -27.91
CA ASP A 321 -25.37 -4.33 -27.33
C ASP A 321 -24.43 -4.92 -26.29
N ILE A 322 -23.16 -5.10 -26.68
CA ILE A 322 -22.13 -5.69 -25.80
C ILE A 322 -22.04 -4.84 -24.53
N GLU A 323 -22.02 -3.51 -24.69
CA GLU A 323 -22.04 -2.58 -23.55
C GLU A 323 -23.21 -2.86 -22.63
N LYS A 324 -24.42 -2.89 -23.21
CA LYS A 324 -25.64 -3.17 -22.45
C LYS A 324 -25.44 -4.42 -21.59
N ILE A 325 -25.00 -5.53 -22.20
CA ILE A 325 -24.86 -6.78 -21.46
C ILE A 325 -24.00 -6.57 -20.21
N LEU A 326 -22.80 -6.05 -20.41
CA LEU A 326 -21.87 -5.88 -19.31
C LEU A 326 -22.47 -5.04 -18.21
N LYS A 327 -23.02 -3.89 -18.56
CA LYS A 327 -23.51 -2.94 -17.55
C LYS A 327 -24.65 -3.51 -16.72
N ASN A 328 -25.65 -4.08 -17.39
CA ASN A 328 -26.71 -4.84 -16.71
C ASN A 328 -26.17 -5.74 -15.65
N ALA A 329 -25.09 -6.43 -16.00
CA ALA A 329 -24.40 -7.30 -15.08
C ALA A 329 -23.55 -6.55 -14.08
N GLN A 330 -23.73 -5.23 -13.96
CA GLN A 330 -23.00 -4.40 -13.00
C GLN A 330 -21.50 -4.49 -13.23
N ILE A 331 -21.13 -4.49 -14.51
CA ILE A 331 -19.73 -4.48 -14.91
C ILE A 331 -19.58 -3.20 -15.69
N ASN A 332 -18.95 -2.24 -15.05
CA ASN A 332 -18.86 -0.93 -15.65
C ASN A 332 -17.83 -0.98 -16.79
N CYS A 333 -18.06 -0.18 -17.83
CA CYS A 333 -17.21 -0.20 -19.01
C CYS A 333 -17.38 1.03 -19.85
N VAL A 334 -16.48 1.22 -20.80
CA VAL A 334 -16.46 2.39 -21.66
C VAL A 334 -16.54 1.90 -23.08
N TYR A 335 -17.21 2.67 -23.93
CA TYR A 335 -17.27 2.38 -25.33
C TYR A 335 -16.67 3.56 -26.03
N ASP A 336 -15.43 3.43 -26.44
CA ASP A 336 -14.78 4.48 -27.18
C ASP A 336 -15.27 4.36 -28.60
N ASP A 337 -16.17 5.25 -29.00
CA ASP A 337 -16.69 5.25 -30.37
C ASP A 337 -16.30 6.52 -31.12
N ARG A 338 -15.32 7.25 -30.58
CA ARG A 338 -14.91 8.53 -31.14
C ARG A 338 -14.36 8.32 -32.53
N ALA A 339 -14.87 9.09 -33.50
CA ALA A 339 -14.51 8.91 -34.91
C ALA A 339 -13.16 9.51 -35.28
N SER A 340 -12.69 10.51 -34.52
CA SER A 340 -11.45 11.21 -34.87
C SER A 340 -10.25 10.64 -34.10
N TYR A 341 -10.26 9.34 -33.81
CA TYR A 341 -9.12 8.68 -33.22
C TYR A 341 -8.90 7.31 -33.83
N SER A 342 -7.66 7.08 -34.23
CA SER A 342 -7.21 5.80 -34.74
C SER A 342 -7.48 4.68 -33.74
N PRO A 343 -7.77 3.46 -34.23
CA PRO A 343 -7.89 2.33 -33.33
C PRO A 343 -6.67 2.16 -32.43
N GLY A 344 -5.48 2.33 -33.00
CA GLY A 344 -4.25 2.21 -32.21
C GLY A 344 -4.10 3.26 -31.12
N TYR A 345 -4.59 4.47 -31.39
CA TYR A 345 -4.71 5.51 -30.35
C TYR A 345 -5.47 4.96 -29.17
N LYS A 346 -6.62 4.40 -29.47
CA LYS A 346 -7.52 3.91 -28.48
C LYS A 346 -6.92 2.75 -27.75
N PHE A 347 -6.24 1.86 -28.47
CA PHE A 347 -5.60 0.71 -27.83
C PHE A 347 -4.57 1.22 -26.83
N ASN A 348 -3.65 2.04 -27.32
CA ASN A 348 -2.59 2.61 -26.48
C ASN A 348 -3.16 3.32 -25.30
N HIS A 349 -4.19 4.12 -25.55
CA HIS A 349 -4.70 5.01 -24.55
C HIS A 349 -5.25 4.25 -23.35
N TRP A 350 -6.18 3.35 -23.62
CA TRP A 350 -6.78 2.58 -22.55
C TRP A 350 -5.81 1.60 -21.89
N GLU A 351 -4.85 1.08 -22.67
CA GLU A 351 -3.80 0.25 -22.08
C GLU A 351 -3.03 1.07 -21.04
N LEU A 352 -2.65 2.26 -21.47
CA LEU A 352 -1.93 3.19 -20.63
C LEU A 352 -2.68 3.53 -19.36
N ARG A 353 -4.01 3.72 -19.49
CA ARG A 353 -4.84 4.09 -18.35
C ARG A 353 -5.13 2.92 -17.43
N GLY A 354 -4.71 1.72 -17.77
CA GLY A 354 -4.88 0.57 -16.90
C GLY A 354 -6.13 -0.29 -17.09
N ILE A 355 -6.98 0.07 -18.05
CA ILE A 355 -8.21 -0.68 -18.24
C ILE A 355 -7.91 -2.15 -18.46
N PRO A 356 -8.38 -3.04 -17.57
CA PRO A 356 -8.08 -4.48 -17.62
C PRO A 356 -8.39 -5.21 -18.93
N ILE A 357 -9.50 -4.86 -19.58
CA ILE A 357 -9.93 -5.60 -20.75
C ILE A 357 -10.37 -4.67 -21.86
N ARG A 358 -9.90 -4.97 -23.06
CA ARG A 358 -10.35 -4.32 -24.25
C ARG A 358 -11.17 -5.36 -24.99
N ILE A 359 -12.33 -4.94 -25.51
CA ILE A 359 -13.08 -5.76 -26.44
C ILE A 359 -13.11 -5.05 -27.78
N GLU A 360 -12.69 -5.82 -28.79
CA GLU A 360 -12.50 -5.35 -30.14
C GLU A 360 -13.65 -5.87 -30.96
N VAL A 361 -14.30 -4.97 -31.69
CA VAL A 361 -15.43 -5.33 -32.55
C VAL A 361 -15.22 -4.85 -33.98
N GLY A 362 -15.16 -5.79 -34.90
CA GLY A 362 -15.05 -5.48 -36.32
C GLY A 362 -15.95 -6.37 -37.15
N PRO A 363 -16.01 -6.13 -38.47
CA PRO A 363 -16.81 -6.90 -39.39
C PRO A 363 -16.68 -8.43 -39.25
N LYS A 364 -15.46 -8.96 -39.17
CA LYS A 364 -15.29 -10.43 -39.02
C LYS A 364 -16.08 -10.99 -37.81
N ASP A 365 -16.40 -10.14 -36.84
CA ASP A 365 -17.12 -10.52 -35.62
C ASP A 365 -18.63 -10.43 -35.74
N LEU A 366 -19.09 -9.58 -36.63
CA LEU A 366 -20.51 -9.46 -36.90
C LEU A 366 -20.92 -10.66 -37.74
N GLN A 367 -20.24 -10.86 -38.87
CA GLN A 367 -20.40 -12.09 -39.65
C GLN A 367 -20.43 -13.31 -38.72
N ASN A 368 -19.51 -13.36 -37.78
CA ASN A 368 -19.25 -14.55 -36.99
C ASN A 368 -19.96 -14.58 -35.62
N ASN A 369 -20.77 -13.56 -35.32
CA ASN A 369 -21.36 -13.39 -33.98
C ASN A 369 -20.34 -13.70 -32.88
N SER A 370 -19.43 -12.76 -32.68
CA SER A 370 -18.32 -12.93 -31.74
C SER A 370 -17.65 -11.58 -31.49
N CYS A 371 -16.49 -11.61 -30.84
CA CYS A 371 -15.63 -10.43 -30.72
C CYS A 371 -14.27 -10.87 -30.19
N VAL A 372 -13.25 -10.02 -30.30
CA VAL A 372 -11.93 -10.31 -29.71
C VAL A 372 -11.83 -9.65 -28.33
N ILE A 373 -11.44 -10.44 -27.34
CA ILE A 373 -11.14 -9.93 -26.00
C ILE A 373 -9.63 -9.94 -25.78
N VAL A 374 -9.10 -8.91 -25.14
CA VAL A 374 -7.67 -8.85 -24.92
C VAL A 374 -7.34 -8.36 -23.52
N ARG A 375 -6.57 -9.18 -22.81
CA ARG A 375 -6.20 -8.92 -21.42
C ARG A 375 -5.13 -7.86 -21.34
N ARG A 376 -5.27 -6.94 -20.41
CA ARG A 376 -4.26 -5.94 -20.21
C ARG A 376 -2.99 -6.53 -19.63
N ASP A 377 -3.09 -7.61 -18.89
CA ASP A 377 -1.93 -8.03 -18.08
C ASP A 377 -0.83 -8.68 -18.87
N ASN A 378 -1.19 -9.36 -19.96
CA ASN A 378 -0.22 -10.10 -20.79
C ASN A 378 -0.56 -10.13 -22.29
N ASN A 379 -1.62 -9.45 -22.67
CA ASN A 379 -2.00 -9.28 -24.05
C ASN A 379 -2.45 -10.52 -24.80
N GLU A 380 -2.82 -11.61 -24.12
CA GLU A 380 -3.47 -12.73 -24.82
C GLU A 380 -4.80 -12.24 -25.36
N LYS A 381 -5.07 -12.60 -26.61
CA LYS A 381 -6.35 -12.31 -27.23
C LYS A 381 -7.15 -13.61 -27.34
N CYS A 382 -8.47 -13.50 -27.37
CA CYS A 382 -9.26 -14.62 -27.85
C CYS A 382 -10.51 -14.15 -28.56
N ASN A 383 -11.15 -15.09 -29.25
CA ASN A 383 -12.50 -14.90 -29.79
C ASN A 383 -13.45 -15.61 -28.87
N VAL A 384 -14.63 -15.03 -28.70
CA VAL A 384 -15.68 -15.63 -27.89
C VAL A 384 -17.04 -15.25 -28.48
N LYS A 385 -17.91 -16.26 -28.64
CA LYS A 385 -19.24 -16.04 -29.19
C LYS A 385 -20.00 -15.09 -28.27
N LYS A 386 -20.71 -14.14 -28.89
CA LYS A 386 -21.42 -13.06 -28.18
C LYS A 386 -22.21 -13.61 -27.00
N GLU A 387 -23.00 -14.66 -27.25
CA GLU A 387 -23.71 -15.39 -26.20
C GLU A 387 -22.88 -15.43 -24.89
N SER A 388 -21.67 -15.95 -24.94
CA SER A 388 -20.90 -16.17 -23.71
C SER A 388 -19.87 -15.07 -23.36
N VAL A 389 -20.06 -13.86 -23.86
CA VAL A 389 -19.15 -12.75 -23.51
C VAL A 389 -19.22 -12.42 -22.00
N LEU A 390 -20.41 -12.25 -21.45
CA LEU A 390 -20.54 -11.89 -20.05
C LEU A 390 -19.74 -12.83 -19.16
N LEU A 391 -19.95 -14.13 -19.33
CA LEU A 391 -19.34 -15.12 -18.46
C LEU A 391 -17.83 -15.11 -18.63
N GLU A 392 -17.39 -15.06 -19.89
CA GLU A 392 -15.95 -15.05 -20.19
C GLU A 392 -15.26 -13.79 -19.69
N THR A 393 -15.95 -12.65 -19.75
CA THR A 393 -15.42 -11.40 -19.20
C THR A 393 -15.22 -11.47 -17.70
N GLN A 394 -16.20 -12.00 -17.00
CA GLN A 394 -16.10 -12.15 -15.57
C GLN A 394 -14.95 -13.05 -15.16
N GLN A 395 -14.86 -14.24 -15.77
CA GLN A 395 -13.78 -15.18 -15.46
C GLN A 395 -12.43 -14.60 -15.82
N MET A 396 -12.42 -13.80 -16.87
CA MET A 396 -11.20 -13.18 -17.31
C MET A 396 -10.67 -12.28 -16.22
N LEU A 397 -11.51 -11.34 -15.82
CA LEU A 397 -11.17 -10.35 -14.80
C LEU A 397 -10.55 -11.00 -13.58
N VAL A 398 -11.15 -12.10 -13.13
CA VAL A 398 -10.59 -12.85 -12.02
C VAL A 398 -9.19 -13.35 -12.37
N ASP A 399 -9.05 -14.04 -13.50
CA ASP A 399 -7.74 -14.57 -13.85
C ASP A 399 -6.71 -13.48 -13.98
N ILE A 400 -7.11 -12.30 -14.43
CA ILE A 400 -6.16 -11.21 -14.49
C ILE A 400 -5.66 -10.87 -13.08
N HIS A 401 -6.57 -10.81 -12.13
CA HIS A 401 -6.14 -10.65 -10.77
C HIS A 401 -5.20 -11.78 -10.35
N LYS A 402 -5.67 -13.04 -10.48
CA LYS A 402 -4.87 -14.24 -10.15
C LYS A 402 -3.50 -14.12 -10.74
N ASN A 403 -3.45 -13.77 -12.02
CA ASN A 403 -2.18 -13.73 -12.68
C ASN A 403 -1.26 -12.59 -12.22
N LEU A 404 -1.80 -11.39 -12.08
CA LEU A 404 -1.00 -10.26 -11.62
C LEU A 404 -0.33 -10.56 -10.29
N PHE A 405 -1.12 -11.16 -9.40
CA PHE A 405 -0.69 -11.46 -8.06
C PHE A 405 0.38 -12.50 -8.11
N LEU A 406 0.08 -13.58 -8.81
CA LEU A 406 0.98 -14.73 -8.83
C LEU A 406 2.29 -14.43 -9.50
N LYS A 407 2.24 -13.61 -10.54
CA LYS A 407 3.46 -13.11 -11.14
C LYS A 407 4.29 -12.33 -10.12
N ALA A 408 3.65 -11.36 -9.48
CA ALA A 408 4.26 -10.60 -8.40
C ALA A 408 4.78 -11.43 -7.20
N LYS A 409 4.14 -12.55 -6.84
CA LYS A 409 4.69 -13.43 -5.76
C LYS A 409 5.86 -14.25 -6.27
N LYS A 410 5.81 -14.73 -7.52
CA LYS A 410 6.96 -15.44 -8.09
C LYS A 410 8.14 -14.48 -8.03
N LYS A 411 7.86 -13.23 -8.38
CA LYS A 411 8.89 -12.23 -8.53
C LYS A 411 9.50 -11.82 -7.19
N LEU A 412 8.63 -11.70 -6.18
CA LEU A 412 9.07 -11.42 -4.82
C LEU A 412 9.98 -12.52 -4.36
N ASP A 413 9.53 -13.76 -4.55
CA ASP A 413 10.24 -14.92 -4.03
C ASP A 413 11.61 -15.04 -4.67
N ASP A 414 11.72 -14.72 -5.94
CA ASP A 414 13.03 -14.72 -6.58
C ASP A 414 13.92 -13.59 -6.08
N SER A 415 13.34 -12.59 -5.45
CA SER A 415 14.16 -11.54 -4.86
C SER A 415 14.71 -11.92 -3.48
N ILE A 416 14.22 -13.01 -2.88
CA ILE A 416 14.63 -13.38 -1.54
C ILE A 416 15.60 -14.55 -1.51
N VAL A 417 16.82 -14.27 -1.07
CA VAL A 417 17.85 -15.29 -0.96
C VAL A 417 18.12 -15.56 0.51
N GLN A 418 18.03 -16.82 0.91
CA GLN A 418 18.31 -17.22 2.26
C GLN A 418 19.78 -17.58 2.36
N VAL A 419 20.53 -16.91 3.23
CA VAL A 419 21.97 -17.16 3.35
C VAL A 419 22.39 -17.10 4.81
N THR A 420 23.65 -17.44 5.05
CA THR A 420 24.17 -17.61 6.40
C THR A 420 25.45 -16.84 6.71
N SER A 421 26.26 -16.57 5.70
CA SER A 421 27.51 -15.85 5.94
C SER A 421 27.34 -14.39 5.62
N PHE A 422 28.28 -13.59 6.09
CA PHE A 422 28.30 -12.19 5.78
C PHE A 422 28.55 -11.91 4.28
N SER A 423 29.39 -12.70 3.63
CA SER A 423 29.71 -12.43 2.22
C SER A 423 28.62 -12.91 1.29
N GLU A 424 27.97 -14.02 1.64
CA GLU A 424 26.75 -14.42 0.94
C GLU A 424 25.75 -13.26 0.97
N VAL A 425 25.70 -12.58 2.10
CA VAL A 425 24.80 -11.43 2.27
C VAL A 425 25.13 -10.31 1.31
N MET A 426 26.39 -9.89 1.30
CA MET A 426 26.79 -8.79 0.43
C MET A 426 26.63 -9.11 -1.05
N ASN A 427 26.75 -10.37 -1.43
CA ASN A 427 26.52 -10.79 -2.82
C ASN A 427 25.10 -10.58 -3.21
N ALA A 428 24.21 -11.06 -2.35
CA ALA A 428 22.81 -10.89 -2.58
C ALA A 428 22.48 -9.39 -2.63
N LEU A 429 22.94 -8.62 -1.63
CA LEU A 429 22.62 -7.18 -1.59
C LEU A 429 23.17 -6.54 -2.88
N ASN A 430 24.45 -6.75 -3.20
CA ASN A 430 25.00 -6.25 -4.48
C ASN A 430 24.11 -6.64 -5.67
N LYS A 431 23.51 -7.84 -5.64
CA LYS A 431 22.63 -8.32 -6.74
C LYS A 431 21.14 -7.91 -6.58
N LYS A 432 20.91 -6.72 -6.03
CA LYS A 432 19.57 -6.12 -5.85
C LYS A 432 18.52 -7.05 -5.20
N LYS A 433 18.97 -8.00 -4.39
CA LYS A 433 18.08 -8.90 -3.64
C LYS A 433 17.82 -8.37 -2.24
N MET A 434 16.91 -9.04 -1.54
CA MET A 434 16.83 -8.93 -0.12
C MET A 434 17.08 -10.31 0.47
N VAL A 435 17.59 -10.32 1.69
CA VAL A 435 18.24 -11.49 2.24
C VAL A 435 17.60 -11.99 3.53
N LEU A 436 17.43 -13.30 3.61
CA LEU A 436 16.92 -13.93 4.79
C LEU A 436 18.12 -14.59 5.46
N ALA A 437 18.42 -14.18 6.69
CA ALA A 437 19.66 -14.55 7.37
C ALA A 437 19.47 -14.82 8.84
N PRO A 438 20.24 -15.76 9.37
CA PRO A 438 20.19 -15.95 10.82
C PRO A 438 20.81 -14.74 11.54
N TRP A 439 20.21 -14.38 12.68
CA TRP A 439 20.55 -13.14 13.37
C TRP A 439 20.32 -13.31 14.86
N CYS A 440 21.21 -12.71 15.64
CA CYS A 440 21.12 -12.81 17.09
C CYS A 440 20.08 -11.83 17.61
N GLU A 441 19.88 -10.74 16.87
CA GLU A 441 18.89 -9.69 17.21
C GLU A 441 19.38 -8.63 18.21
N ASP A 442 20.65 -8.63 18.59
CA ASP A 442 21.18 -7.57 19.46
C ASP A 442 21.07 -6.22 18.76
N ILE A 443 20.46 -5.25 19.43
CA ILE A 443 20.25 -3.92 18.85
C ILE A 443 21.57 -3.24 18.49
N ALA A 444 22.59 -3.51 19.29
CA ALA A 444 23.90 -2.98 19.03
C ALA A 444 24.37 -3.33 17.59
N THR A 445 23.95 -4.45 17.04
CA THR A 445 24.43 -4.84 15.71
C THR A 445 23.79 -4.04 14.59
N GLU A 446 22.63 -3.46 14.85
CA GLU A 446 21.83 -2.90 13.77
C GLU A 446 22.54 -1.75 13.09
N GLU A 447 23.06 -0.80 13.86
CA GLU A 447 23.75 0.34 13.26
C GLU A 447 25.07 -0.11 12.65
N GLU A 448 25.76 -1.03 13.31
CA GLU A 448 27.00 -1.59 12.74
C GLU A 448 26.66 -2.14 11.37
N ILE A 449 25.70 -3.05 11.32
CA ILE A 449 25.32 -3.65 10.07
C ILE A 449 24.92 -2.57 9.05
N LYS A 450 24.12 -1.61 9.47
CA LYS A 450 23.73 -0.51 8.58
C LYS A 450 25.02 0.22 8.09
N LYS A 451 25.70 0.95 8.97
CA LYS A 451 26.83 1.83 8.54
C LYS A 451 27.95 1.09 7.77
N GLU A 452 28.12 -0.20 8.06
CA GLU A 452 29.23 -0.98 7.50
C GLU A 452 28.86 -1.61 6.13
N THR A 453 27.61 -1.97 5.92
CA THR A 453 27.17 -2.35 4.57
C THR A 453 27.13 -1.12 3.68
N GLN A 454 26.56 -0.03 4.19
CA GLN A 454 26.57 1.25 3.47
C GLN A 454 27.97 1.62 3.01
N ARG A 455 28.97 0.90 3.49
CA ARG A 455 30.34 1.20 3.15
C ARG A 455 30.87 0.39 1.97
N LEU A 456 30.03 -0.41 1.31
CA LEU A 456 30.48 -1.38 0.31
C LEU A 456 29.66 -1.41 -1.01
N LEU A 467 18.52 8.35 -1.88
CA LEU A 467 18.11 7.40 -0.82
C LEU A 467 19.29 6.52 -0.35
N SER A 468 19.33 6.21 0.95
CA SER A 468 20.47 5.49 1.59
C SER A 468 20.74 4.06 1.08
N GLY A 469 22.02 3.73 0.92
CA GLY A 469 22.42 2.41 0.42
C GLY A 469 22.83 1.47 1.53
N ALA A 470 22.28 1.66 2.72
CA ALA A 470 22.53 0.76 3.84
C ALA A 470 21.59 -0.43 3.83
N MET A 471 22.06 -1.54 4.37
CA MET A 471 21.21 -2.69 4.59
C MET A 471 20.58 -2.55 5.97
N LYS A 472 19.28 -2.30 5.98
CA LYS A 472 18.50 -2.21 7.21
C LYS A 472 18.00 -3.63 7.52
N PRO A 473 17.66 -3.92 8.78
CA PRO A 473 16.80 -5.06 9.03
C PRO A 473 15.37 -4.63 8.81
N LEU A 474 14.67 -5.38 7.99
CA LEU A 474 13.36 -4.99 7.51
C LEU A 474 12.33 -5.60 8.44
N CYS A 475 12.24 -6.92 8.48
CA CYS A 475 11.38 -7.58 9.43
C CYS A 475 11.78 -9.02 9.70
N ILE A 476 11.55 -9.45 10.92
CA ILE A 476 11.71 -10.83 11.31
C ILE A 476 10.42 -11.56 10.96
N PRO A 477 10.40 -12.28 9.85
CA PRO A 477 9.11 -12.79 9.37
C PRO A 477 8.47 -13.75 10.35
N LEU A 478 7.15 -13.77 10.35
CA LEU A 478 6.41 -14.60 11.28
C LEU A 478 6.60 -16.03 10.89
N ASP A 479 6.49 -16.29 9.59
CA ASP A 479 6.71 -17.62 9.06
C ASP A 479 8.21 -17.91 9.02
N GLN A 480 8.69 -18.63 10.05
CA GLN A 480 10.12 -18.90 10.21
C GLN A 480 10.54 -20.25 9.61
N PRO A 481 11.59 -20.28 8.76
CA PRO A 481 12.15 -21.60 8.48
C PRO A 481 12.81 -22.14 9.72
N PRO A 482 13.08 -23.46 9.77
CA PRO A 482 13.69 -23.98 11.00
C PRO A 482 15.08 -23.40 11.27
N MET A 483 15.48 -23.46 12.53
CA MET A 483 16.78 -22.96 12.95
C MET A 483 17.70 -24.12 13.29
N PRO A 484 18.72 -24.37 12.45
CA PRO A 484 19.65 -25.42 12.80
C PRO A 484 20.18 -25.19 14.22
N PRO A 485 20.53 -26.27 14.91
CA PRO A 485 20.79 -26.15 16.34
C PRO A 485 22.00 -25.26 16.67
N ASN A 486 23.08 -25.36 15.89
CA ASN A 486 24.30 -24.59 16.21
C ASN A 486 24.43 -23.28 15.42
N MET A 487 23.40 -22.92 14.65
CA MET A 487 23.49 -21.82 13.66
C MET A 487 23.88 -20.49 14.27
N LYS A 488 24.96 -19.91 13.74
CA LYS A 488 25.52 -18.65 14.24
C LYS A 488 24.90 -17.45 13.51
N CYS A 489 24.84 -16.32 14.20
CA CYS A 489 24.39 -15.07 13.62
C CYS A 489 25.39 -14.68 12.56
N PHE A 490 24.90 -14.31 11.40
CA PHE A 490 25.74 -13.92 10.27
C PHE A 490 26.62 -12.71 10.53
N TRP A 491 26.40 -11.98 11.63
CA TRP A 491 27.22 -10.81 11.93
C TRP A 491 27.96 -10.94 13.25
N SER A 492 27.21 -11.22 14.32
CA SER A 492 27.77 -11.29 15.68
C SER A 492 28.75 -12.44 15.72
N GLY A 493 28.36 -13.58 15.16
CA GLY A 493 29.00 -14.85 15.49
C GLY A 493 28.24 -15.51 16.62
N LYS A 494 27.60 -14.71 17.45
CA LYS A 494 26.71 -15.20 18.50
C LYS A 494 25.69 -16.18 17.91
N PRO A 495 25.20 -17.11 18.74
CA PRO A 495 24.21 -18.06 18.20
C PRO A 495 23.00 -17.29 17.76
N ALA A 496 22.40 -17.67 16.65
CA ALA A 496 21.32 -16.87 16.07
C ALA A 496 19.97 -17.28 16.64
N LYS A 497 19.12 -16.29 16.93
CA LYS A 497 17.81 -16.53 17.56
C LYS A 497 16.79 -16.89 16.47
N ARG A 498 16.78 -16.12 15.39
CA ARG A 498 15.79 -16.34 14.32
C ARG A 498 16.23 -15.75 13.00
N TRP A 499 15.53 -16.15 11.95
CA TRP A 499 15.77 -15.63 10.61
C TRP A 499 15.17 -14.23 10.42
N CYS A 500 15.93 -13.32 9.84
CA CYS A 500 15.48 -11.97 9.62
C CYS A 500 15.71 -11.54 8.19
N LEU A 501 14.79 -10.73 7.69
CA LEU A 501 14.93 -10.17 6.37
C LEU A 501 15.72 -8.88 6.48
N PHE A 502 16.70 -8.71 5.60
CA PHE A 502 17.51 -7.50 5.56
C PHE A 502 17.49 -7.04 4.13
N GLY A 503 17.67 -5.75 3.92
CA GLY A 503 17.75 -5.22 2.57
C GLY A 503 17.97 -3.72 2.56
N ARG A 504 18.28 -3.18 1.39
CA ARG A 504 18.31 -1.73 1.22
C ARG A 504 16.80 -1.34 1.17
N SER A 505 16.44 -0.11 1.54
CA SER A 505 15.01 0.21 1.69
C SER A 505 14.59 1.58 1.22
N TYR A 506 13.31 1.71 0.91
CA TYR A 506 12.75 3.02 0.56
C TYR A 506 12.67 3.90 1.80
PG ANP B . 9.05 4.55 6.76
O1G ANP B . 8.41 3.18 6.67
O2G ANP B . 9.09 5.11 5.36
O3G ANP B . 10.47 4.58 7.32
PB ANP B . 7.30 5.46 9.50
O1B ANP B . 7.41 4.06 10.08
O2B ANP B . 7.74 6.61 10.36
N3B ANP B . 8.05 5.64 7.84
PA ANP B . 4.58 5.16 10.37
O1A ANP B . 3.53 6.22 10.23
O2A ANP B . 5.14 4.65 11.67
O3A ANP B . 5.72 5.78 9.43
O5' ANP B . 4.00 3.87 9.62
C5' ANP B . 2.66 3.77 9.13
C4' ANP B . 2.63 3.60 7.60
O4' ANP B . 2.85 4.88 7.00
C3' ANP B . 3.70 2.68 7.02
O3' ANP B . 3.14 1.55 6.36
C2' ANP B . 4.45 3.52 6.01
O2' ANP B . 4.53 2.79 4.81
C1' ANP B . 3.58 4.74 5.78
N9 ANP B . 4.32 6.01 5.53
C8 ANP B . 5.26 6.56 6.31
N7 ANP B . 5.71 7.76 5.84
C5 ANP B . 5.02 7.97 4.71
C6 ANP B . 5.01 9.05 3.73
N6 ANP B . 5.85 10.09 3.89
N1 ANP B . 4.16 8.94 2.70
C2 ANP B . 3.34 7.88 2.58
N3 ANP B . 3.28 6.85 3.45
C4 ANP B . 4.10 6.84 4.52
O4' HFG C . 2.74 7.43 13.35
C21 HFG C . 3.34 6.62 13.97
C3' HFG C . 2.69 5.56 14.85
C2' HFG C . 1.29 5.14 14.43
N1' HFG C . 0.36 6.16 14.64
C6' HFG C . -0.89 5.87 14.00
C5' HFG C . -1.05 4.44 13.43
C4' HFG C . 0.10 3.90 12.72
C39 HFG C . 1.28 4.66 12.96
O7' HFG C . 2.51 3.79 12.70
C1' HFG C . 4.95 6.64 13.93
N3 HFG C . 5.30 8.08 13.62
C4 HFG C . 5.20 9.05 14.60
O11 HFG C . 4.83 8.71 15.73
C10 HFG C . 5.54 10.35 14.31
C5 HFG C . 5.46 11.41 15.30
C2 HFG C . 5.69 8.39 12.42
N1 HFG C . 6.04 9.64 12.09
C9 HFG C . 5.98 10.63 13.01
C8 HFG C . 6.32 11.93 12.61
C7 HFG C . 6.24 12.96 13.58
BR1 HFG C . 6.67 14.80 13.10
C6 HFG C . 5.81 12.68 14.89
CL1 HFG C . 5.75 14.00 16.01
S SO4 D . 16.44 4.85 -11.75
O1 SO4 D . 17.48 4.03 -12.42
O2 SO4 D . 16.67 6.29 -12.04
O3 SO4 D . 15.14 4.45 -12.29
O4 SO4 D . 16.46 4.61 -10.28
S SO4 E . 8.12 17.00 -6.28
O1 SO4 E . 8.03 17.54 -7.65
O2 SO4 E . 6.84 17.18 -5.55
O3 SO4 E . 8.40 15.54 -6.33
O4 SO4 E . 9.16 17.78 -5.57
S SO4 F . -21.28 4.21 19.86
O1 SO4 F . -21.49 5.67 20.06
O2 SO4 F . -22.37 3.40 20.44
O3 SO4 F . -21.26 3.96 18.41
O4 SO4 F . -19.98 3.87 20.49
S SO4 G . 12.68 15.29 19.06
O1 SO4 G . 12.26 16.55 19.72
O2 SO4 G . 13.12 14.31 20.08
O3 SO4 G . 11.50 14.73 18.34
O4 SO4 G . 13.77 15.57 18.09
S SO4 H . -15.21 12.30 -32.38
O1 SO4 H . -15.12 13.31 -33.45
O2 SO4 H . -16.33 11.35 -32.58
O3 SO4 H . -13.94 11.56 -32.39
O4 SO4 H . -15.34 13.04 -31.09
S SO4 I . -9.50 10.26 -20.89
O1 SO4 I . -10.60 10.34 -21.89
O2 SO4 I . -9.73 11.22 -19.78
O3 SO4 I . -9.45 8.84 -20.43
O4 SO4 I . -8.24 10.74 -21.52
S SO4 J . 6.25 -6.24 -14.61
O1 SO4 J . 6.80 -5.63 -15.85
O2 SO4 J . 5.00 -5.54 -14.22
O3 SO4 J . 5.85 -7.68 -14.78
O4 SO4 J . 7.31 -6.07 -13.59
S SO4 K . 11.95 21.53 -0.54
O1 SO4 K . 11.69 22.79 -1.29
O2 SO4 K . 11.15 21.47 0.71
O3 SO4 K . 11.59 20.42 -1.42
O4 SO4 K . 13.39 21.41 -0.17
S SO4 L . -15.81 2.81 -4.58
O1 SO4 L . -14.89 3.46 -5.55
O2 SO4 L . -17.00 3.69 -4.45
O3 SO4 L . -16.19 1.46 -5.04
O4 SO4 L . -15.18 2.65 -3.24
S SO4 M . -18.42 2.09 -9.82
O1 SO4 M . -17.94 3.38 -9.25
O2 SO4 M . -18.39 1.03 -8.78
O3 SO4 M . -19.80 2.24 -10.35
O4 SO4 M . -17.53 1.70 -10.94
S SO4 N . -15.24 8.91 0.06
O1 SO4 N . -16.05 10.15 0.27
O2 SO4 N . -15.26 8.12 1.31
O3 SO4 N . -15.82 8.10 -1.04
O4 SO4 N . -13.84 9.29 -0.26
S SO4 O . -16.68 1.96 10.55
O1 SO4 O . -16.05 2.65 9.41
O2 SO4 O . -17.51 2.95 11.29
O3 SO4 O . -17.44 0.81 10.01
O4 SO4 O . -15.63 1.44 11.48
S SO4 P . 3.39 -3.99 28.74
O1 SO4 P . 3.75 -2.89 27.80
O2 SO4 P . 3.02 -3.39 30.04
O3 SO4 P . 2.26 -4.86 28.26
O4 SO4 P . 4.59 -4.84 28.94
S SO4 Q . 1.76 -14.95 -19.03
O1 SO4 Q . 2.04 -13.51 -18.76
O2 SO4 Q . 0.72 -15.46 -18.10
O3 SO4 Q . 1.29 -15.08 -20.43
O4 SO4 Q . 3.00 -15.76 -18.87
S SO4 R . 32.42 7.61 6.10
O1 SO4 R . 31.79 8.95 5.95
O2 SO4 R . 31.61 6.54 5.47
O3 SO4 R . 33.75 7.64 5.44
O4 SO4 R . 32.58 7.32 7.55
NA NA S . 10.22 1.91 4.05
C1 EDO T . -3.35 16.09 -19.03
O1 EDO T . -2.44 16.09 -17.91
C2 EDO T . -3.93 14.67 -19.23
O2 EDO T . -5.33 14.62 -18.90
#